data_9BIU
#
_entry.id   9BIU
#
_cell.length_a   1.00
_cell.length_b   1.00
_cell.length_c   1.00
_cell.angle_alpha   90.00
_cell.angle_beta   90.00
_cell.angle_gamma   90.00
#
_symmetry.space_group_name_H-M   'P 1'
#
loop_
_entity.id
_entity.type
_entity.pdbx_description
1 polymer 'Solute carrier family 15 member 2'
2 polymer nanobody
3 non-polymer CLOXACILLIN
#
loop_
_entity_poly.entity_id
_entity_poly.type
_entity_poly.pdbx_seq_one_letter_code
_entity_poly.pdbx_strand_id
1 'polypeptide(L)'
;MNPFQKNESKETLFSPVSTEEMLPRPPSPPKKSPPKIFGSSYPVSIAFIVVNEFCERFSYYGMKAVLTLYFLYFLHWNED
TSTSVYHAFSSLCYFTPILGAAIADSWLGKFKTIIYLSLVYVLGHVFKSLGAIPILGGKMLHTILSLVGLSLIALGTGGI
KPCVAAFGGDQFEEEHAEARTRYFSVFYLAINAGSLISTFITPMLRGDVKCFGQDCYALAFGVPGLLMVLALVVFAMGSK
MYRKPPPEGNIVAQVIKCIWFALCNRFRNRSGDLPKRQHWLDWAAEKYPKHLIADVKALTRVLFLYIPLPMFWALLDQQG
SRWTLQANKMNGDLGFFVLQPDQMQVLNPFLVLIFIPLFDLVIYRLISKCRINFSSLRKMAVGMILACLAFAVAALVETK
INGMIHPQPASQEIFLQVLNLADGDVKVTVLGSRNNSLLVESVSSFQNTTHYSKLHLEAKSQDLHFHLKYNSLSVHNDHS
VEEKNCYQLLIHQDGESISSMLVKDTGIKPANGMAAIRFINTLHKDLNISLDTDAPLSVGKDYGVSAYRTVLRGKYPAVH
CETEDKVFSLDLGQLDFGTTYLFVITNITSQGLQAWKAEDIPVNKLSIAWQLPQYVLVTAAEVMFSVTGLEFSYSQAPSS
MKSVLQAAWLLTVAVGNIIVLVVAQFSGLAQWAEFVLFSCLLLVVCLIFSVMAYYYVPLKSEDTREATDKQIPAVQGNMI
NLETKNTRLVEGENLYFQ
;
A
2 'polypeptide(L)'
;GPSQVQLVESGGGLVQPGGSLRLLCVASGRPFNDYDMGWFRQAPGKEREFVASISWSGRVTDYSDSMKGRCTVSRDNAKG
TMFLQMSNLVPRDTAVYYCAAARRRWTFKATNTEEFYETWGQGTQVTVSSA
;
B
#
loop_
_chem_comp.id
_chem_comp.type
_chem_comp.name
_chem_comp.formula
CXN non-polymer CLOXACILLIN 'C19 H18 Cl N3 O5 S'
#
# COMPACT_ATOMS: atom_id res chain seq x y z
N PHE A 38 -13.17 -31.82 -3.06
CA PHE A 38 -14.18 -32.63 -3.73
C PHE A 38 -13.80 -34.11 -3.68
N GLY A 39 -12.84 -34.51 -4.53
CA GLY A 39 -12.43 -35.89 -4.59
C GLY A 39 -11.80 -36.37 -3.28
N SER A 40 -10.67 -35.79 -2.91
CA SER A 40 -9.98 -36.14 -1.68
C SER A 40 -8.78 -35.22 -1.53
N SER A 41 -8.22 -35.19 -0.32
CA SER A 41 -7.00 -34.47 -0.03
C SER A 41 -7.22 -32.96 0.04
N TYR A 42 -8.43 -32.50 -0.25
CA TYR A 42 -8.76 -31.07 -0.20
C TYR A 42 -10.12 -30.90 0.49
N PRO A 43 -10.17 -30.31 1.68
CA PRO A 43 -11.46 -30.12 2.33
C PRO A 43 -12.31 -29.10 1.60
N VAL A 44 -13.63 -29.25 1.74
CA VAL A 44 -14.55 -28.27 1.16
C VAL A 44 -14.44 -26.93 1.86
N SER A 45 -13.84 -26.90 3.06
CA SER A 45 -13.82 -25.68 3.86
C SER A 45 -13.05 -24.56 3.17
N ILE A 46 -11.91 -24.89 2.53
CA ILE A 46 -11.06 -23.86 1.97
C ILE A 46 -11.78 -23.04 0.91
N ALA A 47 -12.92 -23.52 0.42
CA ALA A 47 -13.73 -22.72 -0.50
C ALA A 47 -14.13 -21.40 0.17
N PHE A 48 -14.71 -21.48 1.37
CA PHE A 48 -15.03 -20.27 2.12
C PHE A 48 -13.85 -19.81 2.96
N ILE A 49 -12.66 -19.85 2.35
CA ILE A 49 -11.47 -19.20 2.87
C ILE A 49 -10.92 -18.40 1.70
N VAL A 50 -10.76 -19.08 0.56
CA VAL A 50 -10.29 -18.41 -0.64
C VAL A 50 -11.32 -17.38 -1.12
N VAL A 51 -12.61 -17.72 -1.08
CA VAL A 51 -13.62 -16.76 -1.50
C VAL A 51 -13.63 -15.55 -0.57
N ASN A 52 -13.53 -15.79 0.73
CA ASN A 52 -13.49 -14.68 1.68
C ASN A 52 -12.28 -13.79 1.43
N GLU A 53 -11.11 -14.39 1.19
CA GLU A 53 -9.93 -13.58 0.92
C GLU A 53 -10.10 -12.76 -0.36
N PHE A 54 -10.65 -13.37 -1.41
CA PHE A 54 -10.88 -12.64 -2.64
C PHE A 54 -11.78 -11.44 -2.40
N CYS A 55 -12.90 -11.64 -1.71
CA CYS A 55 -13.81 -10.54 -1.44
C CYS A 55 -13.16 -9.47 -0.57
N GLU A 56 -12.40 -9.87 0.45
CA GLU A 56 -11.77 -8.91 1.33
C GLU A 56 -10.76 -8.05 0.59
N ARG A 57 -9.93 -8.66 -0.26
CA ARG A 57 -8.97 -7.88 -1.04
C ARG A 57 -9.69 -6.97 -2.02
N PHE A 58 -10.75 -7.47 -2.66
CA PHE A 58 -11.55 -6.62 -3.53
C PHE A 58 -11.99 -5.36 -2.81
N SER A 59 -12.60 -5.52 -1.64
CA SER A 59 -13.10 -4.36 -0.90
C SER A 59 -11.96 -3.46 -0.46
N TYR A 60 -10.88 -4.03 0.06
CA TYR A 60 -9.78 -3.23 0.58
C TYR A 60 -9.18 -2.35 -0.51
N TYR A 61 -8.87 -2.96 -1.66
CA TYR A 61 -8.29 -2.19 -2.75
C TYR A 61 -9.27 -1.19 -3.36
N GLY A 62 -10.56 -1.55 -3.47
CA GLY A 62 -11.54 -0.59 -3.94
C GLY A 62 -11.63 0.63 -3.05
N MET A 63 -11.54 0.44 -1.74
CA MET A 63 -11.57 1.58 -0.82
C MET A 63 -10.28 2.39 -0.88
N LYS A 64 -9.13 1.71 -0.89
CA LYS A 64 -7.86 2.42 -0.87
C LYS A 64 -7.63 3.20 -2.14
N ALA A 65 -8.21 2.76 -3.26
CA ALA A 65 -8.06 3.51 -4.51
C ALA A 65 -8.69 4.88 -4.41
N VAL A 66 -9.87 4.97 -3.78
CA VAL A 66 -10.61 6.24 -3.71
C VAL A 66 -10.31 7.02 -2.43
N LEU A 67 -9.54 6.45 -1.50
CA LEU A 67 -9.25 7.14 -0.24
C LEU A 67 -8.63 8.52 -0.49
N THR A 68 -7.61 8.59 -1.33
CA THR A 68 -6.90 9.86 -1.52
C THR A 68 -7.79 10.91 -2.16
N LEU A 69 -8.57 10.52 -3.18
CA LEU A 69 -9.49 11.46 -3.79
C LEU A 69 -10.54 11.94 -2.80
N TYR A 70 -11.00 11.04 -1.93
CA TYR A 70 -11.93 11.45 -0.89
C TYR A 70 -11.29 12.49 0.03
N PHE A 71 -10.04 12.27 0.41
CA PHE A 71 -9.35 13.25 1.26
C PHE A 71 -9.24 14.60 0.56
N LEU A 72 -8.87 14.59 -0.73
CA LEU A 72 -8.54 15.84 -1.39
C LEU A 72 -9.77 16.63 -1.83
N TYR A 73 -10.77 15.97 -2.42
CA TYR A 73 -11.84 16.66 -3.11
C TYR A 73 -13.19 16.56 -2.39
N PHE A 74 -13.26 15.86 -1.26
CA PHE A 74 -14.44 15.88 -0.42
C PHE A 74 -14.19 16.58 0.91
N LEU A 75 -13.12 16.21 1.61
CA LEU A 75 -12.73 16.89 2.84
C LEU A 75 -11.93 18.15 2.57
N HIS A 76 -11.45 18.35 1.34
CA HIS A 76 -10.68 19.54 0.97
C HIS A 76 -9.47 19.71 1.88
N TRP A 77 -8.77 18.61 2.14
CA TRP A 77 -7.58 18.65 2.98
C TRP A 77 -6.36 19.09 2.18
N ASN A 78 -5.36 19.59 2.90
CA ASN A 78 -4.07 19.88 2.30
C ASN A 78 -3.52 18.63 1.64
N GLU A 79 -2.63 18.83 0.66
CA GLU A 79 -1.93 17.70 0.07
C GLU A 79 -1.05 17.01 1.10
N ASP A 80 -0.36 17.79 1.93
CA ASP A 80 0.48 17.20 2.96
C ASP A 80 -0.34 16.39 3.95
N THR A 81 -1.46 16.96 4.42
CA THR A 81 -2.30 16.25 5.37
C THR A 81 -2.87 14.98 4.77
N SER A 82 -3.35 15.07 3.51
CA SER A 82 -3.93 13.89 2.88
C SER A 82 -2.89 12.78 2.73
N THR A 83 -1.69 13.14 2.25
CA THR A 83 -0.65 12.13 2.08
C THR A 83 -0.22 11.54 3.42
N SER A 84 -0.08 12.39 4.44
CA SER A 84 0.33 11.89 5.75
C SER A 84 -0.71 10.94 6.33
N VAL A 85 -2.00 11.28 6.20
CA VAL A 85 -3.04 10.41 6.73
C VAL A 85 -3.09 9.11 5.96
N TYR A 86 -2.92 9.17 4.63
CA TYR A 86 -2.91 7.95 3.83
C TYR A 86 -1.77 7.02 4.26
N HIS A 87 -0.57 7.58 4.43
CA HIS A 87 0.57 6.76 4.80
C HIS A 87 0.41 6.23 6.22
N ALA A 88 -0.14 7.02 7.14
CA ALA A 88 -0.38 6.54 8.49
C ALA A 88 -1.37 5.38 8.49
N PHE A 89 -2.44 5.51 7.70
CA PHE A 89 -3.42 4.42 7.61
C PHE A 89 -2.77 3.16 7.05
N SER A 90 -1.95 3.30 6.00
CA SER A 90 -1.29 2.13 5.43
C SER A 90 -0.34 1.48 6.44
N SER A 91 0.43 2.29 7.17
CA SER A 91 1.35 1.74 8.15
C SER A 91 0.61 1.03 9.28
N LEU A 92 -0.49 1.62 9.75
CA LEU A 92 -1.29 0.97 10.78
C LEU A 92 -1.87 -0.35 10.28
N CYS A 93 -2.32 -0.38 9.02
CA CYS A 93 -2.81 -1.62 8.44
C CYS A 93 -1.71 -2.68 8.42
N TYR A 94 -0.48 -2.27 8.08
CA TYR A 94 0.62 -3.22 8.04
C TYR A 94 1.01 -3.70 9.44
N PHE A 95 0.86 -2.86 10.45
CA PHE A 95 1.38 -3.18 11.78
C PHE A 95 0.34 -3.83 12.71
N THR A 96 -0.94 -3.72 12.41
CA THR A 96 -1.99 -4.31 13.24
C THR A 96 -2.02 -5.85 13.25
N PRO A 97 -1.53 -6.56 12.22
CA PRO A 97 -1.55 -8.02 12.31
C PRO A 97 -0.78 -8.58 13.50
N ILE A 98 0.18 -7.85 14.05
CA ILE A 98 0.83 -8.30 15.28
C ILE A 98 -0.21 -8.44 16.39
N LEU A 99 -1.03 -7.39 16.58
CA LEU A 99 -2.08 -7.44 17.59
C LEU A 99 -3.09 -8.52 17.28
N GLY A 100 -3.46 -8.66 16.00
CA GLY A 100 -4.42 -9.70 15.63
C GLY A 100 -3.92 -11.10 15.97
N ALA A 101 -2.67 -11.40 15.61
CA ALA A 101 -2.10 -12.71 15.89
C ALA A 101 -1.93 -12.93 17.39
N ALA A 102 -1.55 -11.89 18.12
CA ALA A 102 -1.47 -12.01 19.57
C ALA A 102 -2.82 -12.42 20.14
N ILE A 103 -3.88 -11.71 19.75
CA ILE A 103 -5.22 -12.07 20.21
C ILE A 103 -5.53 -13.51 19.85
N ALA A 104 -5.32 -13.87 18.58
CA ALA A 104 -5.74 -15.19 18.11
C ALA A 104 -5.04 -16.32 18.87
N ASP A 105 -3.70 -16.26 18.93
CA ASP A 105 -2.95 -17.38 19.48
C ASP A 105 -3.00 -17.40 21.00
N SER A 106 -2.95 -16.24 21.65
CA SER A 106 -2.90 -16.21 23.11
C SER A 106 -4.26 -16.40 23.76
N TRP A 107 -5.34 -16.33 23.02
CA TRP A 107 -6.67 -16.28 23.61
C TRP A 107 -7.71 -16.35 22.50
N LEU A 108 -8.85 -16.97 22.81
CA LEU A 108 -10.00 -16.91 21.91
C LEU A 108 -9.82 -17.76 20.64
N GLY A 109 -8.62 -18.29 20.42
CA GLY A 109 -8.35 -19.06 19.23
C GLY A 109 -8.64 -18.27 17.97
N LYS A 110 -8.52 -18.90 16.81
CA LYS A 110 -8.93 -18.31 15.54
C LYS A 110 -10.23 -18.94 15.07
N PHE A 111 -10.88 -18.26 14.12
CA PHE A 111 -12.28 -18.36 13.74
C PHE A 111 -13.16 -17.64 14.75
N LYS A 112 -12.63 -17.20 15.89
CA LYS A 112 -13.31 -16.29 16.78
C LYS A 112 -12.68 -14.90 16.79
N THR A 113 -11.37 -14.82 16.58
CA THR A 113 -10.76 -13.52 16.28
C THR A 113 -11.07 -13.09 14.86
N ILE A 114 -11.16 -14.04 13.92
CA ILE A 114 -11.54 -13.69 12.55
C ILE A 114 -12.95 -13.12 12.52
N ILE A 115 -13.89 -13.78 13.20
CA ILE A 115 -15.28 -13.32 13.17
C ILE A 115 -15.40 -11.94 13.80
N TYR A 116 -14.82 -11.77 14.99
CA TYR A 116 -14.96 -10.50 15.70
C TYR A 116 -14.23 -9.37 14.99
N LEU A 117 -13.04 -9.65 14.46
CA LEU A 117 -12.31 -8.61 13.74
C LEU A 117 -12.97 -8.30 12.40
N SER A 118 -13.67 -9.26 11.80
CA SER A 118 -14.47 -8.96 10.61
C SER A 118 -15.67 -8.10 10.97
N LEU A 119 -16.27 -8.32 12.13
CA LEU A 119 -17.33 -7.44 12.59
C LEU A 119 -16.81 -6.03 12.81
N VAL A 120 -15.61 -5.90 13.39
CA VAL A 120 -14.99 -4.59 13.57
C VAL A 120 -14.69 -3.96 12.21
N TYR A 121 -14.24 -4.77 11.26
CA TYR A 121 -14.00 -4.27 9.90
C TYR A 121 -15.27 -3.73 9.27
N VAL A 122 -16.37 -4.47 9.43
CA VAL A 122 -17.65 -4.02 8.87
C VAL A 122 -18.11 -2.74 9.56
N LEU A 123 -17.91 -2.64 10.87
CA LEU A 123 -18.26 -1.41 11.58
C LEU A 123 -17.43 -0.23 11.07
N GLY A 124 -16.14 -0.46 10.83
CA GLY A 124 -15.31 0.60 10.28
C GLY A 124 -15.76 1.02 8.89
N HIS A 125 -16.13 0.05 8.06
CA HIS A 125 -16.65 0.39 6.74
C HIS A 125 -17.94 1.18 6.85
N VAL A 126 -18.81 0.81 7.79
CA VAL A 126 -20.07 1.54 7.98
C VAL A 126 -19.78 2.97 8.39
N PHE A 127 -18.85 3.16 9.33
CA PHE A 127 -18.49 4.52 9.75
C PHE A 127 -17.92 5.31 8.58
N LYS A 128 -17.02 4.70 7.80
CA LYS A 128 -16.39 5.42 6.70
C LYS A 128 -17.41 5.83 5.65
N SER A 129 -18.33 4.93 5.30
CA SER A 129 -19.35 5.27 4.32
C SER A 129 -20.35 6.27 4.89
N LEU A 130 -20.52 6.29 6.21
CA LEU A 130 -21.42 7.24 6.84
C LEU A 130 -20.82 8.65 6.88
N GLY A 131 -19.50 8.75 6.92
CA GLY A 131 -18.85 10.05 6.90
C GLY A 131 -18.75 10.70 5.55
N ALA A 132 -19.09 9.98 4.48
CA ALA A 132 -19.09 10.52 3.13
C ALA A 132 -20.45 11.05 2.71
N ILE A 133 -21.46 10.94 3.56
CA ILE A 133 -22.78 11.48 3.26
C ILE A 133 -22.77 12.96 3.63
N PRO A 134 -22.95 13.89 2.68
CA PRO A 134 -22.88 15.32 3.02
C PRO A 134 -24.13 15.85 3.71
N ILE A 135 -25.21 15.06 3.79
CA ILE A 135 -26.46 15.57 4.35
C ILE A 135 -26.32 15.81 5.85
N LEU A 136 -25.73 14.86 6.57
CA LEU A 136 -25.67 14.91 8.02
C LEU A 136 -24.32 15.47 8.46
N GLY A 137 -24.35 16.54 9.24
CA GLY A 137 -23.14 17.19 9.71
C GLY A 137 -22.29 17.71 8.57
N GLY A 138 -21.17 18.35 8.89
CA GLY A 138 -20.25 18.78 7.86
C GLY A 138 -18.92 19.28 8.38
N LYS A 139 -17.84 18.70 7.84
CA LYS A 139 -16.48 19.16 8.09
C LYS A 139 -16.01 18.82 9.50
N MET A 140 -16.91 18.37 10.37
CA MET A 140 -16.55 17.85 11.68
C MET A 140 -17.02 16.42 11.87
N LEU A 141 -18.29 16.14 11.57
CA LEU A 141 -18.76 14.76 11.59
C LEU A 141 -18.09 13.94 10.51
N HIS A 142 -17.89 14.53 9.32
CA HIS A 142 -17.23 13.82 8.24
C HIS A 142 -15.83 13.39 8.64
N THR A 143 -15.04 14.34 9.17
CA THR A 143 -13.66 14.03 9.52
C THR A 143 -13.59 12.98 10.62
N ILE A 144 -14.36 13.16 11.69
CA ILE A 144 -14.30 12.23 12.82
C ILE A 144 -14.75 10.86 12.38
N LEU A 145 -15.86 10.77 11.65
CA LEU A 145 -16.37 9.48 11.21
C LEU A 145 -15.39 8.79 10.28
N SER A 146 -14.80 9.54 9.34
CA SER A 146 -13.85 8.94 8.42
C SER A 146 -12.63 8.41 9.16
N LEU A 147 -12.10 9.19 10.11
CA LEU A 147 -10.91 8.75 10.83
C LEU A 147 -11.21 7.52 11.70
N VAL A 148 -12.36 7.51 12.37
CA VAL A 148 -12.72 6.35 13.18
C VAL A 148 -12.91 5.12 12.31
N GLY A 149 -13.59 5.28 11.17
CA GLY A 149 -13.76 4.17 10.26
C GLY A 149 -12.43 3.64 9.74
N LEU A 150 -11.50 4.54 9.43
CA LEU A 150 -10.18 4.11 8.98
C LEU A 150 -9.44 3.35 10.07
N SER A 151 -9.53 3.82 11.31
CA SER A 151 -8.89 3.11 12.41
C SER A 151 -9.46 1.71 12.55
N LEU A 152 -10.79 1.58 12.50
CA LEU A 152 -11.42 0.28 12.63
C LEU A 152 -11.08 -0.63 11.45
N ILE A 153 -11.00 -0.07 10.24
CA ILE A 153 -10.63 -0.85 9.06
C ILE A 153 -9.21 -1.38 9.21
N ALA A 154 -8.29 -0.54 9.68
CA ALA A 154 -6.92 -1.00 9.90
C ALA A 154 -6.88 -2.10 10.94
N LEU A 155 -7.62 -1.93 12.04
CA LEU A 155 -7.67 -2.97 13.06
C LEU A 155 -8.18 -4.29 12.48
N GLY A 156 -9.25 -4.22 11.68
CA GLY A 156 -9.79 -5.43 11.10
C GLY A 156 -8.83 -6.12 10.15
N THR A 157 -8.22 -5.34 9.25
CA THR A 157 -7.29 -5.92 8.29
C THR A 157 -6.10 -6.57 8.99
N GLY A 158 -5.56 -5.90 10.00
CA GLY A 158 -4.49 -6.46 10.79
C GLY A 158 -5.02 -7.40 11.85
N GLY A 159 -5.34 -8.61 11.44
CA GLY A 159 -5.98 -9.57 12.31
C GLY A 159 -6.94 -10.45 11.52
N ILE A 160 -7.35 -9.96 10.35
CA ILE A 160 -7.88 -10.87 9.34
C ILE A 160 -6.79 -11.33 8.39
N LYS A 161 -5.65 -10.63 8.33
CA LYS A 161 -4.58 -11.05 7.39
C LYS A 161 -3.92 -12.35 7.84
N PRO A 162 -3.30 -12.43 9.02
CA PRO A 162 -2.55 -13.65 9.37
C PRO A 162 -3.45 -14.78 9.82
N CYS A 163 -4.53 -14.42 10.52
CA CYS A 163 -5.43 -15.43 11.08
C CYS A 163 -6.10 -16.23 9.97
N VAL A 164 -6.51 -15.57 8.89
CA VAL A 164 -7.18 -16.28 7.80
C VAL A 164 -6.23 -17.28 7.15
N ALA A 165 -4.99 -16.86 6.89
CA ALA A 165 -4.02 -17.77 6.27
C ALA A 165 -3.74 -18.96 7.16
N ALA A 166 -3.50 -18.70 8.45
CA ALA A 166 -3.22 -19.80 9.37
C ALA A 166 -4.42 -20.74 9.50
N PHE A 167 -5.62 -20.18 9.56
CA PHE A 167 -6.82 -21.00 9.69
C PHE A 167 -7.03 -21.87 8.45
N GLY A 168 -6.83 -21.30 7.27
CA GLY A 168 -6.95 -22.09 6.05
C GLY A 168 -5.91 -23.19 5.98
N GLY A 169 -4.68 -22.89 6.41
CA GLY A 169 -3.65 -23.91 6.45
C GLY A 169 -3.93 -24.98 7.48
N ASP A 170 -4.71 -24.65 8.52
CA ASP A 170 -5.02 -25.59 9.58
C ASP A 170 -6.03 -26.66 9.15
N GLN A 171 -6.65 -26.51 7.98
CA GLN A 171 -7.65 -27.47 7.54
C GLN A 171 -7.05 -28.76 7.01
N PHE A 172 -5.74 -28.78 6.73
CA PHE A 172 -5.08 -29.95 6.18
C PHE A 172 -4.35 -30.70 7.29
N GLU A 173 -4.40 -32.03 7.21
CA GLU A 173 -3.63 -32.85 8.13
C GLU A 173 -2.14 -32.61 7.93
N GLU A 174 -1.39 -32.72 9.04
CA GLU A 174 0.04 -32.46 8.97
C GLU A 174 0.73 -33.35 7.95
N GLU A 175 0.16 -34.54 7.68
CA GLU A 175 0.72 -35.40 6.65
C GLU A 175 0.53 -34.84 5.26
N HIS A 176 -0.58 -34.12 5.02
CA HIS A 176 -0.87 -33.53 3.72
C HIS A 176 -0.13 -32.19 3.60
N ALA A 177 1.20 -32.29 3.56
CA ALA A 177 2.05 -31.13 3.38
C ALA A 177 2.16 -30.69 1.92
N GLU A 178 1.71 -31.53 0.98
CA GLU A 178 1.75 -31.19 -0.43
C GLU A 178 0.49 -30.47 -0.89
N ALA A 179 -0.66 -30.77 -0.29
CA ALA A 179 -1.88 -30.03 -0.60
C ALA A 179 -1.88 -28.65 0.03
N ARG A 180 -1.15 -28.48 1.14
CA ARG A 180 -1.07 -27.17 1.78
C ARG A 180 -0.39 -26.16 0.86
N THR A 181 0.66 -26.57 0.16
CA THR A 181 1.35 -25.66 -0.74
C THR A 181 0.43 -25.23 -1.88
N ARG A 182 -0.34 -26.17 -2.44
CA ARG A 182 -1.29 -25.82 -3.48
C ARG A 182 -2.37 -24.89 -2.94
N TYR A 183 -2.82 -25.12 -1.70
CA TYR A 183 -3.80 -24.23 -1.10
C TYR A 183 -3.23 -22.83 -0.95
N PHE A 184 -1.97 -22.71 -0.55
CA PHE A 184 -1.36 -21.38 -0.41
C PHE A 184 -1.20 -20.71 -1.76
N SER A 185 -0.86 -21.47 -2.78
CA SER A 185 -0.81 -20.91 -4.13
C SER A 185 -2.16 -20.38 -4.56
N VAL A 186 -3.22 -21.15 -4.28
CA VAL A 186 -4.57 -20.70 -4.62
C VAL A 186 -4.95 -19.47 -3.79
N PHE A 187 -4.50 -19.41 -2.54
CA PHE A 187 -4.76 -18.25 -1.69
C PHE A 187 -4.13 -16.99 -2.29
N TYR A 188 -2.86 -17.09 -2.71
CA TYR A 188 -2.21 -15.95 -3.34
C TYR A 188 -2.87 -15.58 -4.66
N LEU A 189 -3.30 -16.59 -5.41
CA LEU A 189 -4.03 -16.35 -6.65
C LEU A 189 -5.32 -15.58 -6.38
N ALA A 190 -6.03 -15.96 -5.31
CA ALA A 190 -7.26 -15.27 -4.96
C ALA A 190 -6.98 -13.82 -4.58
N ILE A 191 -5.92 -13.59 -3.81
CA ILE A 191 -5.55 -12.22 -3.44
C ILE A 191 -5.30 -11.40 -4.69
N ASN A 192 -4.47 -11.92 -5.59
CA ASN A 192 -4.10 -11.15 -6.78
C ASN A 192 -5.31 -10.93 -7.70
N ALA A 193 -6.17 -11.93 -7.82
CA ALA A 193 -7.38 -11.77 -8.62
C ALA A 193 -8.29 -10.69 -8.03
N GLY A 194 -8.46 -10.70 -6.70
CA GLY A 194 -9.22 -9.64 -6.07
C GLY A 194 -8.65 -8.27 -6.36
N SER A 195 -7.33 -8.14 -6.28
CA SER A 195 -6.69 -6.87 -6.59
C SER A 195 -6.96 -6.45 -8.03
N LEU A 196 -6.86 -7.40 -8.96
CA LEU A 196 -7.02 -7.07 -10.38
C LEU A 196 -8.45 -6.62 -10.68
N ILE A 197 -9.45 -7.36 -10.18
CA ILE A 197 -10.83 -6.93 -10.39
C ILE A 197 -11.11 -5.63 -9.67
N SER A 198 -10.44 -5.37 -8.54
CA SER A 198 -10.58 -4.08 -7.89
C SER A 198 -10.11 -2.96 -8.80
N THR A 199 -8.94 -3.12 -9.43
CA THR A 199 -8.47 -2.11 -10.36
C THR A 199 -9.43 -1.93 -11.51
N PHE A 200 -9.95 -3.03 -12.05
CA PHE A 200 -10.81 -2.94 -13.23
C PHE A 200 -12.20 -2.40 -12.92
N ILE A 201 -12.65 -2.48 -11.67
CA ILE A 201 -14.02 -2.10 -11.33
C ILE A 201 -14.11 -0.79 -10.57
N THR A 202 -13.06 -0.36 -9.86
CA THR A 202 -13.15 0.85 -9.06
C THR A 202 -13.51 2.09 -9.88
N PRO A 203 -12.86 2.38 -11.01
CA PRO A 203 -13.15 3.64 -11.71
C PRO A 203 -14.60 3.77 -12.14
N MET A 204 -15.33 2.65 -12.31
CA MET A 204 -16.73 2.74 -12.68
C MET A 204 -17.57 3.29 -11.53
N LEU A 205 -17.23 2.97 -10.29
CA LEU A 205 -18.02 3.42 -9.15
C LEU A 205 -17.97 4.94 -9.01
N ARG A 206 -16.79 5.54 -9.18
CA ARG A 206 -16.62 6.98 -9.04
C ARG A 206 -16.63 7.69 -10.39
N GLY A 207 -17.29 7.12 -11.38
CA GLY A 207 -17.37 7.74 -12.69
C GLY A 207 -18.71 8.42 -12.94
N ASP A 208 -18.73 9.74 -12.83
CA ASP A 208 -19.91 10.55 -13.13
C ASP A 208 -21.15 10.01 -12.40
N VAL A 209 -21.04 9.92 -11.08
CA VAL A 209 -22.14 9.53 -10.22
C VAL A 209 -22.36 10.62 -9.18
N LYS A 210 -23.59 11.08 -9.05
CA LYS A 210 -23.95 12.17 -8.14
C LYS A 210 -24.74 11.58 -6.98
N CYS A 211 -24.11 11.47 -5.82
CA CYS A 211 -24.78 10.98 -4.62
C CYS A 211 -25.93 11.91 -4.24
N PHE A 212 -25.59 13.14 -3.82
CA PHE A 212 -26.59 14.19 -3.57
C PHE A 212 -25.99 15.49 -4.10
N GLY A 213 -26.22 15.77 -5.39
CA GLY A 213 -25.73 16.97 -6.02
C GLY A 213 -24.22 17.09 -6.13
N GLN A 214 -23.45 16.17 -5.56
CA GLN A 214 -21.99 16.20 -5.61
C GLN A 214 -21.49 14.82 -5.99
N ASP A 215 -20.17 14.71 -6.20
CA ASP A 215 -19.58 13.44 -6.57
C ASP A 215 -19.92 12.38 -5.53
N CYS A 216 -20.25 11.18 -6.01
CA CYS A 216 -20.80 10.13 -5.16
C CYS A 216 -19.65 9.31 -4.57
N TYR A 217 -19.18 9.73 -3.41
CA TYR A 217 -18.20 8.96 -2.65
C TYR A 217 -18.84 7.93 -1.74
N ALA A 218 -20.11 8.15 -1.35
CA ALA A 218 -20.79 7.20 -0.48
C ALA A 218 -20.89 5.84 -1.14
N LEU A 219 -21.24 5.80 -2.42
CA LEU A 219 -21.27 4.52 -3.14
C LEU A 219 -19.88 3.90 -3.21
N ALA A 220 -18.86 4.72 -3.46
CA ALA A 220 -17.50 4.20 -3.58
C ALA A 220 -17.05 3.54 -2.29
N PHE A 221 -17.46 4.10 -1.14
CA PHE A 221 -17.08 3.53 0.15
C PHE A 221 -18.09 2.49 0.65
N GLY A 222 -19.27 2.40 0.06
CA GLY A 222 -20.27 1.45 0.50
C GLY A 222 -20.20 0.13 -0.23
N VAL A 223 -19.83 0.16 -1.51
CA VAL A 223 -19.66 -1.10 -2.26
C VAL A 223 -18.61 -1.98 -1.59
N PRO A 224 -17.43 -1.47 -1.23
CA PRO A 224 -16.50 -2.30 -0.44
C PRO A 224 -17.10 -2.77 0.88
N GLY A 225 -17.93 -1.96 1.53
CA GLY A 225 -18.58 -2.42 2.75
C GLY A 225 -19.48 -3.61 2.51
N LEU A 226 -20.27 -3.56 1.43
CA LEU A 226 -21.10 -4.71 1.08
C LEU A 226 -20.24 -5.92 0.73
N LEU A 227 -19.12 -5.70 0.06
CA LEU A 227 -18.23 -6.80 -0.26
C LEU A 227 -17.68 -7.45 1.01
N MET A 228 -17.30 -6.64 1.99
CA MET A 228 -16.80 -7.19 3.24
C MET A 228 -17.90 -7.93 4.00
N VAL A 229 -19.12 -7.40 3.98
CA VAL A 229 -20.23 -8.10 4.61
C VAL A 229 -20.43 -9.45 3.95
N LEU A 230 -20.37 -9.51 2.61
CA LEU A 230 -20.50 -10.77 1.90
C LEU A 230 -19.37 -11.73 2.25
N ALA A 231 -18.15 -11.22 2.36
CA ALA A 231 -17.02 -12.06 2.73
C ALA A 231 -17.24 -12.67 4.12
N LEU A 232 -17.68 -11.85 5.08
CA LEU A 232 -17.94 -12.36 6.42
C LEU A 232 -19.05 -13.41 6.39
N VAL A 233 -20.10 -13.16 5.61
CA VAL A 233 -21.22 -14.11 5.55
C VAL A 233 -20.75 -15.45 4.99
N VAL A 234 -19.97 -15.41 3.90
CA VAL A 234 -19.53 -16.65 3.29
C VAL A 234 -18.56 -17.39 4.20
N PHE A 235 -17.69 -16.66 4.90
CA PHE A 235 -16.79 -17.32 5.84
C PHE A 235 -17.56 -17.97 6.98
N ALA A 236 -18.56 -17.29 7.51
CA ALA A 236 -19.35 -17.87 8.60
C ALA A 236 -20.24 -19.01 8.12
N MET A 237 -20.57 -19.06 6.84
CA MET A 237 -21.44 -20.13 6.34
C MET A 237 -20.79 -21.49 6.48
N GLY A 238 -19.46 -21.56 6.48
CA GLY A 238 -18.77 -22.83 6.57
C GLY A 238 -18.33 -23.18 7.98
N SER A 239 -19.04 -22.65 8.97
CA SER A 239 -18.63 -22.84 10.36
C SER A 239 -18.64 -24.32 10.74
N LYS A 240 -19.68 -25.05 10.35
CA LYS A 240 -19.82 -26.43 10.78
C LYS A 240 -18.83 -27.37 10.10
N MET A 241 -18.13 -26.91 9.06
CA MET A 241 -17.16 -27.75 8.35
C MET A 241 -15.72 -27.48 8.76
N TYR A 242 -15.44 -26.35 9.39
CA TYR A 242 -14.07 -26.00 9.71
C TYR A 242 -13.49 -26.97 10.74
N ARG A 243 -12.20 -26.77 11.05
CA ARG A 243 -11.45 -27.62 11.97
C ARG A 243 -10.84 -26.77 13.07
N LYS A 244 -11.67 -25.91 13.68
CA LYS A 244 -11.25 -24.96 14.70
C LYS A 244 -10.41 -25.64 15.78
N PRO A 245 -9.11 -25.34 15.87
CA PRO A 245 -8.31 -25.84 16.99
C PRO A 245 -8.24 -24.81 18.09
N PRO A 246 -8.29 -25.22 19.36
CA PRO A 246 -8.29 -24.25 20.45
C PRO A 246 -6.89 -23.69 20.68
N PRO A 247 -6.78 -22.53 21.33
CA PRO A 247 -5.45 -22.01 21.67
C PRO A 247 -4.79 -22.86 22.73
N GLU A 248 -3.46 -22.82 22.75
CA GLU A 248 -2.65 -23.57 23.70
C GLU A 248 -2.32 -22.77 24.96
N GLY A 249 -3.19 -21.83 25.34
CA GLY A 249 -2.96 -20.99 26.49
C GLY A 249 -2.40 -19.63 26.09
N ASN A 250 -2.02 -18.86 27.11
CA ASN A 250 -1.45 -17.54 26.91
C ASN A 250 -0.02 -17.71 26.41
N ILE A 251 0.08 -18.09 25.12
CA ILE A 251 1.38 -18.46 24.56
C ILE A 251 2.29 -17.26 24.46
N VAL A 252 1.74 -16.08 24.13
CA VAL A 252 2.58 -14.90 23.98
C VAL A 252 3.21 -14.51 25.32
N ALA A 253 2.41 -14.54 26.40
CA ALA A 253 2.94 -14.21 27.71
C ALA A 253 3.99 -15.22 28.14
N GLN A 254 3.73 -16.50 27.90
CA GLN A 254 4.70 -17.53 28.26
C GLN A 254 6.01 -17.34 27.49
N VAL A 255 5.92 -17.03 26.20
CA VAL A 255 7.12 -16.82 25.39
C VAL A 255 7.90 -15.63 25.92
N ILE A 256 7.22 -14.53 26.20
CA ILE A 256 7.90 -13.34 26.69
C ILE A 256 8.58 -13.64 28.02
N LYS A 257 7.88 -14.32 28.93
CA LYS A 257 8.45 -14.63 30.23
C LYS A 257 9.64 -15.59 30.11
N CYS A 258 9.54 -16.57 29.22
CA CYS A 258 10.65 -17.50 29.03
C CYS A 258 11.88 -16.79 28.50
N ILE A 259 11.71 -15.91 27.52
CA ILE A 259 12.85 -15.16 26.99
C ILE A 259 13.43 -14.26 28.07
N TRP A 260 12.55 -13.61 28.84
CA TRP A 260 13.03 -12.72 29.90
C TRP A 260 13.86 -13.49 30.92
N PHE A 261 13.37 -14.65 31.36
CA PHE A 261 14.11 -15.45 32.34
C PHE A 261 15.43 -15.93 31.75
N ALA A 262 15.41 -16.38 30.49
CA ALA A 262 16.64 -16.84 29.85
C ALA A 262 17.69 -15.72 29.86
N LEU A 263 17.29 -14.52 29.42
CA LEU A 263 18.24 -13.42 29.38
C LEU A 263 18.72 -13.04 30.78
N CYS A 264 17.81 -13.02 31.76
CA CYS A 264 18.17 -12.59 33.10
C CYS A 264 18.96 -13.64 33.88
N ASN A 265 19.01 -14.88 33.40
CA ASN A 265 19.75 -15.91 34.13
C ASN A 265 21.25 -15.75 33.93
N ARG A 266 21.69 -15.31 32.74
CA ARG A 266 23.12 -15.19 32.47
C ARG A 266 23.80 -14.11 33.29
N PHE A 267 23.05 -13.20 33.90
CA PHE A 267 23.67 -12.04 34.52
C PHE A 267 24.41 -12.44 35.78
N ARG A 268 25.45 -13.28 35.63
CA ARG A 268 26.30 -13.71 36.72
C ARG A 268 27.56 -12.85 36.66
N ASN A 269 27.43 -11.59 37.09
CA ASN A 269 28.53 -10.65 36.97
C ASN A 269 29.73 -11.09 37.79
N ARG A 270 29.50 -11.55 39.02
CA ARG A 270 30.56 -11.97 39.92
C ARG A 270 30.53 -13.47 40.21
N SER A 271 29.84 -14.24 39.38
CA SER A 271 29.73 -15.68 39.57
C SER A 271 29.41 -16.31 38.21
N GLY A 272 29.02 -17.58 38.23
CA GLY A 272 28.62 -18.27 37.02
C GLY A 272 29.44 -19.51 36.73
N ASP A 273 28.78 -20.66 36.69
CA ASP A 273 29.44 -21.92 36.33
C ASP A 273 28.68 -22.56 35.18
N LEU A 274 27.35 -22.42 35.18
CA LEU A 274 26.52 -22.93 34.10
C LEU A 274 25.33 -21.99 33.87
N PRO A 275 25.58 -20.74 33.45
CA PRO A 275 24.46 -19.83 33.17
C PRO A 275 23.55 -20.37 32.08
N LYS A 276 24.13 -20.65 30.91
CA LYS A 276 23.44 -21.41 29.87
C LYS A 276 24.46 -21.89 28.86
N ARG A 277 24.41 -23.18 28.52
CA ARG A 277 25.33 -23.78 27.57
C ARG A 277 24.55 -24.54 26.51
N GLN A 278 25.12 -24.61 25.31
CA GLN A 278 24.60 -25.24 24.09
C GLN A 278 23.51 -24.33 23.49
N HIS A 279 23.03 -23.31 24.21
CA HIS A 279 22.00 -22.41 23.70
C HIS A 279 21.78 -21.33 24.74
N TRP A 280 21.10 -20.27 24.32
CA TRP A 280 20.74 -19.18 25.21
C TRP A 280 19.37 -19.38 25.85
N LEU A 281 18.72 -20.52 25.61
CA LEU A 281 17.46 -20.85 26.26
C LEU A 281 17.53 -22.13 27.08
N ASP A 282 18.65 -22.86 27.03
CA ASP A 282 18.70 -24.18 27.66
C ASP A 282 18.52 -24.08 29.17
N TRP A 283 19.18 -23.12 29.81
CA TRP A 283 19.10 -22.97 31.26
C TRP A 283 18.00 -22.01 31.70
N ALA A 284 17.09 -21.65 30.80
CA ALA A 284 15.77 -21.20 31.21
C ALA A 284 14.85 -22.40 31.38
N ALA A 285 15.34 -23.38 32.15
CA ALA A 285 14.68 -24.67 32.28
C ALA A 285 14.24 -24.98 33.70
N GLU A 286 14.61 -24.17 34.69
CA GLU A 286 14.04 -24.33 36.02
C GLU A 286 12.53 -24.14 35.99
N LYS A 287 12.02 -23.45 34.97
CA LYS A 287 10.59 -23.37 34.68
C LYS A 287 10.40 -23.53 33.18
N TYR A 288 9.20 -23.31 32.68
CA TYR A 288 9.00 -23.32 31.24
C TYR A 288 9.43 -24.66 30.64
N PRO A 289 8.62 -25.72 30.82
CA PRO A 289 9.06 -27.06 30.41
C PRO A 289 9.57 -27.12 28.98
N LYS A 290 10.21 -28.24 28.63
CA LYS A 290 10.91 -28.34 27.35
C LYS A 290 10.01 -28.06 26.17
N HIS A 291 8.72 -28.43 26.26
CA HIS A 291 7.82 -28.24 25.13
C HIS A 291 7.57 -26.77 24.83
N LEU A 292 7.87 -25.87 25.76
CA LEU A 292 7.77 -24.44 25.52
C LEU A 292 9.11 -23.85 25.09
N ILE A 293 10.21 -24.34 25.68
CA ILE A 293 11.53 -23.88 25.28
C ILE A 293 11.79 -24.21 23.82
N ALA A 294 11.33 -25.38 23.36
CA ALA A 294 11.49 -25.74 21.96
C ALA A 294 10.69 -24.81 21.06
N ASP A 295 9.47 -24.47 21.46
CA ASP A 295 8.64 -23.58 20.64
C ASP A 295 9.27 -22.21 20.52
N VAL A 296 9.75 -21.66 21.65
CA VAL A 296 10.39 -20.36 21.59
C VAL A 296 11.70 -20.43 20.82
N LYS A 297 12.41 -21.56 20.90
CA LYS A 297 13.60 -21.75 20.08
C LYS A 297 13.27 -21.63 18.60
N ALA A 298 12.24 -22.35 18.16
CA ALA A 298 11.85 -22.29 16.76
C ALA A 298 11.43 -20.88 16.36
N LEU A 299 10.66 -20.21 17.22
CA LEU A 299 10.24 -18.84 16.92
C LEU A 299 11.45 -17.93 16.74
N THR A 300 12.41 -18.01 17.66
CA THR A 300 13.59 -17.15 17.57
C THR A 300 14.42 -17.47 16.34
N ARG A 301 14.55 -18.76 15.99
CA ARG A 301 15.30 -19.13 14.79
C ARG A 301 14.65 -18.52 13.55
N VAL A 302 13.33 -18.63 13.44
CA VAL A 302 12.65 -18.11 12.26
C VAL A 302 12.75 -16.59 12.22
N LEU A 303 12.65 -15.92 13.36
CA LEU A 303 12.78 -14.47 13.39
C LEU A 303 14.17 -14.03 12.96
N PHE A 304 15.21 -14.72 13.45
CA PHE A 304 16.57 -14.40 13.04
C PHE A 304 16.75 -14.63 11.54
N LEU A 305 16.11 -15.67 11.00
CA LEU A 305 16.15 -15.90 9.56
C LEU A 305 15.47 -14.75 8.81
N TYR A 306 14.34 -14.27 9.32
CA TYR A 306 13.56 -13.24 8.64
C TYR A 306 14.16 -11.84 8.77
N ILE A 307 15.08 -11.64 9.71
CA ILE A 307 15.67 -10.33 9.99
C ILE A 307 15.86 -9.49 8.72
N PRO A 308 16.49 -10.00 7.67
CA PRO A 308 16.84 -9.13 6.53
C PRO A 308 15.74 -8.92 5.49
N LEU A 309 14.55 -9.50 5.66
CA LEU A 309 13.51 -9.42 4.65
C LEU A 309 12.92 -8.01 4.48
N PRO A 310 12.90 -7.17 5.54
CA PRO A 310 12.41 -5.80 5.33
C PRO A 310 13.18 -5.04 4.27
N MET A 311 14.50 -5.23 4.21
CA MET A 311 15.30 -4.57 3.17
C MET A 311 14.90 -5.07 1.78
N PHE A 312 14.68 -6.37 1.64
CA PHE A 312 14.23 -6.90 0.36
C PHE A 312 12.89 -6.29 -0.03
N TRP A 313 11.96 -6.19 0.92
CA TRP A 313 10.65 -5.61 0.62
C TRP A 313 10.79 -4.16 0.21
N ALA A 314 11.62 -3.38 0.92
CA ALA A 314 11.80 -1.98 0.57
C ALA A 314 12.41 -1.83 -0.82
N LEU A 315 13.43 -2.64 -1.12
CA LEU A 315 14.07 -2.55 -2.44
C LEU A 315 13.11 -2.94 -3.55
N LEU A 316 12.33 -4.01 -3.34
CA LEU A 316 11.41 -4.45 -4.37
C LEU A 316 10.22 -3.53 -4.53
N ASP A 317 9.86 -2.77 -3.48
CA ASP A 317 8.75 -1.83 -3.60
C ASP A 317 9.11 -0.62 -4.46
N GLN A 318 10.40 -0.31 -4.59
CA GLN A 318 10.82 0.85 -5.38
C GLN A 318 10.84 0.50 -6.86
N GLN A 319 9.74 -0.02 -7.38
CA GLN A 319 9.59 -0.29 -8.81
C GLN A 319 8.26 0.16 -9.38
N GLY A 320 7.22 0.34 -8.56
CA GLY A 320 5.95 0.82 -9.05
C GLY A 320 5.88 2.32 -9.26
N SER A 321 6.94 3.04 -8.88
CA SER A 321 7.02 4.48 -9.07
C SER A 321 8.10 4.90 -10.07
N ARG A 322 9.26 4.27 -10.03
CA ARG A 322 10.34 4.63 -10.95
C ARG A 322 10.09 4.07 -12.34
N TRP A 323 9.51 2.87 -12.42
CA TRP A 323 9.24 2.28 -13.73
C TRP A 323 8.17 3.06 -14.48
N THR A 324 7.26 3.73 -13.76
CA THR A 324 6.32 4.63 -14.42
C THR A 324 7.06 5.80 -15.07
N LEU A 325 8.03 6.37 -14.35
CA LEU A 325 8.84 7.44 -14.94
C LEU A 325 9.60 6.94 -16.15
N GLN A 326 10.16 5.73 -16.07
CA GLN A 326 10.87 5.16 -17.21
C GLN A 326 9.93 4.96 -18.39
N ALA A 327 8.70 4.51 -18.13
CA ALA A 327 7.72 4.36 -19.19
C ALA A 327 7.36 5.70 -19.82
N ASN A 328 7.35 6.77 -19.02
CA ASN A 328 7.02 8.08 -19.53
C ASN A 328 7.97 8.55 -20.63
N LYS A 329 9.18 7.97 -20.70
CA LYS A 329 10.19 8.39 -21.66
C LYS A 329 10.29 7.48 -22.86
N MET A 330 9.36 6.54 -23.02
CA MET A 330 9.43 5.55 -24.11
C MET A 330 8.07 5.44 -24.79
N ASN A 331 8.12 5.17 -26.10
CA ASN A 331 6.91 5.14 -26.91
C ASN A 331 5.95 4.07 -26.41
N GLY A 332 4.65 4.37 -26.48
CA GLY A 332 3.63 3.46 -26.02
C GLY A 332 2.45 3.31 -26.94
N ASP A 333 2.68 3.47 -28.26
CA ASP A 333 1.60 3.30 -29.22
C ASP A 333 1.23 1.83 -29.37
N LEU A 334 2.22 0.95 -29.47
CA LEU A 334 2.04 -0.48 -29.66
C LEU A 334 1.28 -0.83 -30.93
N GLY A 335 1.12 0.13 -31.84
CA GLY A 335 0.49 -0.14 -33.12
C GLY A 335 -1.02 -0.35 -33.05
N PHE A 336 -1.44 -1.32 -32.24
CA PHE A 336 -2.86 -1.69 -32.18
C PHE A 336 -3.61 -0.84 -31.16
N PHE A 337 -3.18 -0.88 -29.90
CA PHE A 337 -3.84 -0.16 -28.82
C PHE A 337 -2.82 0.73 -28.13
N VAL A 338 -3.18 2.00 -27.94
CA VAL A 338 -2.30 2.95 -27.27
C VAL A 338 -2.33 2.68 -25.78
N LEU A 339 -1.15 2.46 -25.19
CA LEU A 339 -1.02 2.12 -23.77
C LEU A 339 -0.41 3.29 -23.03
N GLN A 340 -1.08 3.73 -21.96
CA GLN A 340 -0.58 4.82 -21.15
C GLN A 340 0.46 4.30 -20.15
N PRO A 341 1.38 5.16 -19.71
CA PRO A 341 2.38 4.69 -18.72
C PRO A 341 1.76 4.17 -17.45
N ASP A 342 0.66 4.78 -17.00
CA ASP A 342 0.02 4.33 -15.76
C ASP A 342 -0.59 2.93 -15.92
N GLN A 343 -1.19 2.66 -17.09
CA GLN A 343 -1.86 1.38 -17.30
C GLN A 343 -0.89 0.20 -17.22
N MET A 344 0.40 0.42 -17.45
CA MET A 344 1.36 -0.67 -17.40
C MET A 344 1.45 -1.30 -16.01
N GLN A 345 1.01 -0.59 -14.97
CA GLN A 345 1.09 -1.13 -13.62
C GLN A 345 0.24 -2.39 -13.46
N VAL A 346 -0.87 -2.48 -14.20
CA VAL A 346 -1.75 -3.64 -14.10
C VAL A 346 -1.10 -4.91 -14.62
N LEU A 347 0.05 -4.81 -15.29
CA LEU A 347 0.72 -5.98 -15.84
C LEU A 347 1.32 -6.87 -14.76
N ASN A 348 1.45 -6.40 -13.53
CA ASN A 348 2.02 -7.19 -12.45
C ASN A 348 1.03 -8.26 -11.98
N PRO A 349 -0.18 -7.88 -11.52
CA PRO A 349 -1.13 -8.91 -11.07
C PRO A 349 -1.50 -9.90 -12.16
N PHE A 350 -1.60 -9.45 -13.42
CA PHE A 350 -1.93 -10.37 -14.50
C PHE A 350 -0.81 -11.39 -14.69
N LEU A 351 0.44 -10.94 -14.68
CA LEU A 351 1.55 -11.87 -14.80
C LEU A 351 1.65 -12.80 -13.60
N VAL A 352 1.30 -12.32 -12.41
CA VAL A 352 1.27 -13.20 -11.24
C VAL A 352 0.20 -14.27 -11.43
N LEU A 353 -0.98 -13.88 -11.92
CA LEU A 353 -2.04 -14.85 -12.17
C LEU A 353 -1.60 -15.90 -13.17
N ILE A 354 -0.86 -15.49 -14.20
CA ILE A 354 -0.36 -16.46 -15.16
C ILE A 354 0.71 -17.36 -14.55
N PHE A 355 1.61 -16.78 -13.75
CA PHE A 355 2.79 -17.50 -13.30
C PHE A 355 2.49 -18.50 -12.20
N ILE A 356 1.58 -18.16 -11.28
CA ILE A 356 1.34 -19.02 -10.13
C ILE A 356 0.94 -20.41 -10.61
N PRO A 357 -0.09 -20.55 -11.46
CA PRO A 357 -0.38 -21.89 -12.01
C PRO A 357 0.77 -22.47 -12.80
N LEU A 358 1.50 -21.64 -13.55
CA LEU A 358 2.60 -22.14 -14.36
C LEU A 358 3.71 -22.70 -13.47
N PHE A 359 4.10 -21.93 -12.44
CA PHE A 359 5.13 -22.42 -11.53
C PHE A 359 4.67 -23.67 -10.80
N ASP A 360 3.44 -23.66 -10.29
CA ASP A 360 2.96 -24.77 -9.47
C ASP A 360 2.83 -26.05 -10.27
N LEU A 361 2.31 -25.96 -11.50
CA LEU A 361 1.94 -27.16 -12.25
C LEU A 361 3.02 -27.64 -13.22
N VAL A 362 3.92 -26.77 -13.66
CA VAL A 362 4.86 -27.13 -14.72
C VAL A 362 6.30 -27.01 -14.26
N ILE A 363 6.73 -25.79 -13.91
CA ILE A 363 8.15 -25.55 -13.65
C ILE A 363 8.61 -26.36 -12.44
N TYR A 364 7.85 -26.31 -11.34
CA TYR A 364 8.23 -27.07 -10.16
C TYR A 364 8.19 -28.57 -10.44
N ARG A 365 7.18 -29.03 -11.17
CA ARG A 365 7.11 -30.44 -11.53
C ARG A 365 8.28 -30.85 -12.40
N LEU A 366 8.65 -30.01 -13.38
CA LEU A 366 9.79 -30.31 -14.23
C LEU A 366 11.07 -30.39 -13.40
N ILE A 367 11.26 -29.46 -12.46
CA ILE A 367 12.44 -29.49 -11.62
C ILE A 367 12.47 -30.75 -10.77
N SER A 368 11.31 -31.12 -10.20
CA SER A 368 11.22 -32.33 -9.40
C SER A 368 11.45 -33.59 -10.23
N LYS A 369 11.21 -33.54 -11.54
CA LYS A 369 11.44 -34.70 -12.39
C LYS A 369 12.88 -35.19 -12.24
N CYS A 370 13.84 -34.28 -12.29
CA CYS A 370 15.23 -34.62 -12.02
C CYS A 370 15.47 -34.65 -10.52
N ARG A 371 16.72 -34.90 -10.13
CA ARG A 371 17.05 -34.98 -8.71
C ARG A 371 17.10 -33.62 -8.03
N ILE A 372 17.01 -32.53 -8.79
CA ILE A 372 17.07 -31.20 -8.20
C ILE A 372 16.02 -31.07 -7.12
N ASN A 373 16.43 -30.56 -5.95
CA ASN A 373 15.55 -30.44 -4.79
C ASN A 373 15.48 -28.98 -4.37
N PHE A 374 14.30 -28.38 -4.55
CA PHE A 374 14.05 -27.01 -4.10
C PHE A 374 13.41 -27.09 -2.71
N SER A 375 14.13 -26.61 -1.70
CA SER A 375 13.79 -26.85 -0.30
C SER A 375 12.97 -25.72 0.32
N SER A 376 12.31 -24.90 -0.51
CA SER A 376 11.45 -23.82 -0.03
C SER A 376 12.26 -22.67 0.56
N LEU A 377 13.57 -22.85 0.70
CA LEU A 377 14.49 -21.77 1.00
C LEU A 377 15.38 -21.43 -0.17
N ARG A 378 15.67 -22.40 -1.04
CA ARG A 378 16.29 -22.10 -2.32
C ARG A 378 15.34 -21.34 -3.22
N LYS A 379 14.03 -21.56 -3.08
CA LYS A 379 13.05 -20.82 -3.86
C LYS A 379 13.11 -19.33 -3.54
N MET A 380 13.19 -18.99 -2.25
CA MET A 380 13.26 -17.58 -1.86
C MET A 380 14.55 -16.92 -2.34
N ALA A 381 15.68 -17.63 -2.24
CA ALA A 381 16.94 -17.09 -2.73
C ALA A 381 16.89 -16.89 -4.24
N VAL A 382 16.30 -17.84 -4.96
CA VAL A 382 16.17 -17.70 -6.41
C VAL A 382 15.27 -16.52 -6.75
N GLY A 383 14.21 -16.31 -5.96
CA GLY A 383 13.37 -15.14 -6.16
C GLY A 383 14.12 -13.84 -5.95
N MET A 384 14.97 -13.79 -4.92
CA MET A 384 15.79 -12.60 -4.71
C MET A 384 16.73 -12.37 -5.88
N ILE A 385 17.35 -13.44 -6.39
CA ILE A 385 18.23 -13.30 -7.54
C ILE A 385 17.45 -12.81 -8.75
N LEU A 386 16.23 -13.31 -8.93
CA LEU A 386 15.41 -12.87 -10.06
C LEU A 386 15.04 -11.40 -9.93
N ALA A 387 14.75 -10.93 -8.71
CA ALA A 387 14.47 -9.51 -8.52
C ALA A 387 15.71 -8.66 -8.84
N CYS A 388 16.88 -9.12 -8.40
CA CYS A 388 18.12 -8.40 -8.74
C CYS A 388 18.31 -8.35 -10.25
N LEU A 389 18.06 -9.47 -10.93
CA LEU A 389 18.18 -9.49 -12.39
C LEU A 389 17.18 -8.54 -13.03
N ALA A 390 15.96 -8.47 -12.49
CA ALA A 390 14.96 -7.57 -13.03
C ALA A 390 15.41 -6.12 -12.92
N PHE A 391 15.99 -5.75 -11.78
CA PHE A 391 16.46 -4.37 -11.63
C PHE A 391 17.68 -4.10 -12.50
N ALA A 392 18.55 -5.09 -12.69
CA ALA A 392 19.65 -4.92 -13.63
C ALA A 392 19.13 -4.70 -15.05
N VAL A 393 18.10 -5.44 -15.44
CA VAL A 393 17.50 -5.27 -16.76
C VAL A 393 16.88 -3.89 -16.87
N ALA A 394 16.25 -3.41 -15.79
CA ALA A 394 15.69 -2.07 -15.81
C ALA A 394 16.78 -1.02 -16.00
N ALA A 395 17.92 -1.21 -15.33
CA ALA A 395 19.04 -0.30 -15.53
C ALA A 395 19.54 -0.34 -16.97
N LEU A 396 19.61 -1.53 -17.55
CA LEU A 396 20.03 -1.65 -18.95
C LEU A 396 19.05 -0.93 -19.87
N VAL A 397 17.76 -1.07 -19.62
CA VAL A 397 16.76 -0.40 -20.45
C VAL A 397 16.87 1.11 -20.31
N GLU A 398 17.13 1.59 -19.09
CA GLU A 398 17.33 3.02 -18.90
C GLU A 398 18.56 3.51 -19.65
N THR A 399 19.63 2.73 -19.63
CA THR A 399 20.83 3.09 -20.39
C THR A 399 20.52 3.15 -21.88
N LYS A 400 19.75 2.19 -22.39
CA LYS A 400 19.36 2.23 -23.79
C LYS A 400 18.52 3.47 -24.08
N ILE A 401 17.62 3.83 -23.18
CA ILE A 401 16.78 5.01 -23.37
C ILE A 401 17.66 6.26 -23.46
N ASN A 402 18.64 6.38 -22.57
CA ASN A 402 19.48 7.58 -22.55
C ASN A 402 20.22 7.75 -23.86
N GLY A 403 20.70 6.67 -24.45
CA GLY A 403 21.44 6.73 -25.69
C GLY A 403 20.56 7.01 -26.89
N MET A 404 19.87 8.16 -26.87
CA MET A 404 18.96 8.54 -27.94
C MET A 404 19.59 9.68 -28.75
N ILE A 405 19.57 9.53 -30.08
CA ILE A 405 20.12 10.52 -30.98
C ILE A 405 19.19 10.68 -32.17
N HIS A 406 18.96 11.91 -32.59
CA HIS A 406 18.07 12.18 -33.71
C HIS A 406 18.71 11.71 -35.01
N PRO A 407 17.89 11.43 -36.04
CA PRO A 407 18.42 10.97 -37.33
C PRO A 407 19.14 12.07 -38.10
N GLU A 599 7.27 17.36 -36.33
CA GLU A 599 7.79 16.94 -35.04
C GLU A 599 8.82 15.84 -35.20
N ASP A 600 10.08 16.16 -34.92
CA ASP A 600 11.14 15.16 -35.01
C ASP A 600 10.93 14.05 -34.00
N ILE A 601 11.26 12.83 -34.41
CA ILE A 601 11.09 11.64 -33.58
C ILE A 601 12.46 11.01 -33.40
N PRO A 602 12.86 10.64 -32.19
CA PRO A 602 14.15 9.95 -32.02
C PRO A 602 14.06 8.52 -32.55
N VAL A 603 15.06 8.13 -33.37
CA VAL A 603 15.08 6.78 -33.90
C VAL A 603 15.23 5.77 -32.78
N ASN A 604 16.12 6.04 -31.84
CA ASN A 604 16.34 5.14 -30.70
C ASN A 604 15.39 5.45 -29.56
N LYS A 605 14.09 5.47 -29.87
CA LYS A 605 13.04 5.66 -28.87
C LYS A 605 12.33 4.33 -28.69
N LEU A 606 12.55 3.69 -27.55
CA LEU A 606 11.98 2.38 -27.29
C LEU A 606 10.46 2.44 -27.17
N SER A 607 9.80 1.39 -27.63
CA SER A 607 8.37 1.25 -27.39
C SER A 607 8.13 0.81 -25.94
N ILE A 608 6.88 0.87 -25.51
CA ILE A 608 6.54 0.45 -24.16
C ILE A 608 6.99 -0.98 -23.91
N ALA A 609 7.19 -1.77 -24.97
CA ALA A 609 7.83 -3.07 -24.83
C ALA A 609 9.25 -2.86 -24.32
N TRP A 610 9.97 -3.95 -24.07
CA TRP A 610 11.28 -3.91 -23.43
C TRP A 610 11.13 -3.62 -21.94
N GLN A 611 9.92 -3.31 -21.49
CA GLN A 611 9.57 -3.33 -20.08
C GLN A 611 8.97 -4.66 -19.66
N LEU A 612 8.63 -5.52 -20.63
CA LEU A 612 8.14 -6.85 -20.30
C LEU A 612 9.21 -7.69 -19.60
N PRO A 613 10.45 -7.77 -20.10
CA PRO A 613 11.44 -8.64 -19.45
C PRO A 613 11.65 -8.34 -17.98
N GLN A 614 11.64 -7.06 -17.59
CA GLN A 614 11.78 -6.73 -16.17
C GLN A 614 10.49 -6.99 -15.40
N TYR A 615 9.34 -6.81 -16.05
CA TYR A 615 8.08 -7.18 -15.41
C TYR A 615 7.97 -8.69 -15.26
N VAL A 616 8.50 -9.44 -16.22
CA VAL A 616 8.48 -10.89 -16.13
C VAL A 616 9.39 -11.36 -15.00
N LEU A 617 10.60 -10.80 -14.92
CA LEU A 617 11.56 -11.23 -13.90
C LEU A 617 11.09 -10.84 -12.51
N VAL A 618 10.63 -9.61 -12.34
CA VAL A 618 10.21 -9.15 -11.01
C VAL A 618 8.96 -9.90 -10.57
N THR A 619 8.06 -10.22 -11.51
CA THR A 619 6.86 -10.96 -11.15
C THR A 619 7.17 -12.39 -10.76
N ALA A 620 8.11 -13.03 -11.47
CA ALA A 620 8.52 -14.38 -11.10
C ALA A 620 9.17 -14.39 -9.72
N ALA A 621 9.96 -13.36 -9.40
CA ALA A 621 10.55 -13.26 -8.08
C ALA A 621 9.48 -13.17 -7.00
N GLU A 622 8.45 -12.36 -7.23
CA GLU A 622 7.38 -12.22 -6.26
CA GLU A 622 7.38 -12.22 -6.26
C GLU A 622 6.63 -13.54 -6.08
N VAL A 623 6.37 -14.25 -7.18
CA VAL A 623 5.67 -15.53 -7.08
C VAL A 623 6.51 -16.54 -6.32
N MET A 624 7.81 -16.59 -6.60
CA MET A 624 8.67 -17.57 -5.92
C MET A 624 8.88 -17.21 -4.46
N PHE A 625 8.93 -15.91 -4.15
CA PHE A 625 9.22 -15.47 -2.79
C PHE A 625 7.97 -15.43 -1.93
N SER A 626 6.97 -14.66 -2.35
CA SER A 626 5.79 -14.43 -1.50
C SER A 626 5.04 -15.73 -1.25
N VAL A 627 4.82 -16.53 -2.29
CA VAL A 627 4.06 -17.77 -2.13
C VAL A 627 4.83 -18.76 -1.26
N THR A 628 6.14 -18.82 -1.43
CA THR A 628 6.95 -19.72 -0.62
C THR A 628 7.06 -19.24 0.82
N GLY A 629 7.03 -17.92 1.04
CA GLY A 629 7.12 -17.41 2.39
C GLY A 629 5.92 -17.78 3.24
N LEU A 630 4.73 -17.74 2.66
CA LEU A 630 3.53 -18.10 3.41
C LEU A 630 3.59 -19.56 3.86
N GLU A 631 3.99 -20.46 2.97
CA GLU A 631 4.09 -21.87 3.34
C GLU A 631 5.22 -22.10 4.33
N PHE A 632 6.37 -21.44 4.13
CA PHE A 632 7.49 -21.63 5.04
C PHE A 632 7.15 -21.13 6.44
N SER A 633 6.44 -20.01 6.53
CA SER A 633 6.06 -19.49 7.84
C SER A 633 5.15 -20.46 8.58
N TYR A 634 4.19 -21.06 7.88
CA TYR A 634 3.28 -22.00 8.52
C TYR A 634 3.97 -23.32 8.84
N SER A 635 4.75 -23.85 7.89
CA SER A 635 5.34 -25.17 8.08
C SER A 635 6.37 -25.19 9.20
N GLN A 636 7.02 -24.06 9.46
CA GLN A 636 8.08 -23.98 10.44
C GLN A 636 7.62 -23.39 11.77
N ALA A 637 6.32 -23.22 11.96
CA ALA A 637 5.81 -22.64 13.21
C ALA A 637 5.29 -23.72 14.14
N PRO A 638 5.55 -23.64 15.44
CA PRO A 638 4.93 -24.60 16.37
C PRO A 638 3.41 -24.49 16.33
N SER A 639 2.76 -25.63 16.57
CA SER A 639 1.30 -25.66 16.53
C SER A 639 0.68 -24.63 17.48
N SER A 640 1.38 -24.31 18.57
CA SER A 640 0.83 -23.37 19.54
C SER A 640 0.82 -21.95 19.00
N MET A 641 1.72 -21.62 18.09
CA MET A 641 1.91 -20.26 17.59
C MET A 641 2.00 -20.25 16.07
N LYS A 642 1.05 -20.93 15.42
CA LYS A 642 1.04 -20.98 13.96
C LYS A 642 0.79 -19.60 13.37
N SER A 643 -0.13 -18.83 13.95
CA SER A 643 -0.48 -17.52 13.42
C SER A 643 0.46 -16.42 13.89
N VAL A 644 1.30 -16.68 14.90
CA VAL A 644 2.30 -15.69 15.28
C VAL A 644 3.39 -15.61 14.22
N LEU A 645 3.79 -16.74 13.66
CA LEU A 645 4.79 -16.72 12.59
C LEU A 645 4.23 -16.06 11.33
N GLN A 646 2.91 -16.10 11.15
CA GLN A 646 2.31 -15.40 10.02
C GLN A 646 2.33 -13.89 10.23
N ALA A 647 2.25 -13.46 11.49
CA ALA A 647 2.41 -12.04 11.80
C ALA A 647 3.85 -11.61 11.63
N ALA A 648 4.80 -12.51 11.93
CA ALA A 648 6.21 -12.19 11.70
C ALA A 648 6.48 -12.00 10.22
N TRP A 649 5.87 -12.83 9.37
CA TRP A 649 6.04 -12.65 7.93
C TRP A 649 5.50 -11.30 7.48
N LEU A 650 4.32 -10.91 7.98
CA LEU A 650 3.76 -9.61 7.62
C LEU A 650 4.51 -8.48 8.31
N LEU A 651 5.16 -8.77 9.45
CA LEU A 651 5.92 -7.73 10.13
C LEU A 651 7.06 -7.22 9.26
N THR A 652 7.67 -8.11 8.48
CA THR A 652 8.75 -7.69 7.59
C THR A 652 8.24 -6.69 6.55
N VAL A 653 7.03 -6.93 6.02
CA VAL A 653 6.46 -5.98 5.07
C VAL A 653 6.23 -4.64 5.73
N ALA A 654 5.73 -4.64 6.96
CA ALA A 654 5.47 -3.39 7.66
C ALA A 654 6.76 -2.60 7.87
N VAL A 655 7.82 -3.28 8.29
CA VAL A 655 9.11 -2.60 8.49
C VAL A 655 9.67 -2.15 7.15
N GLY A 656 9.58 -3.01 6.13
CA GLY A 656 10.06 -2.62 4.81
C GLY A 656 9.35 -1.40 4.27
N ASN A 657 8.04 -1.30 4.51
CA ASN A 657 7.29 -0.12 4.08
C ASN A 657 7.76 1.12 4.82
N ILE A 658 8.16 0.98 6.09
CA ILE A 658 8.70 2.11 6.84
C ILE A 658 10.00 2.57 6.21
N ILE A 659 10.86 1.63 5.79
CA ILE A 659 12.12 1.99 5.17
C ILE A 659 11.87 2.77 3.88
N VAL A 660 10.83 2.40 3.14
CA VAL A 660 10.53 3.10 1.88
C VAL A 660 10.22 4.56 2.18
N LEU A 661 9.41 4.82 3.20
CA LEU A 661 9.05 6.21 3.53
C LEU A 661 10.29 7.01 3.91
N VAL A 662 11.18 6.43 4.71
CA VAL A 662 12.39 7.14 5.11
C VAL A 662 13.29 7.40 3.91
N VAL A 663 13.34 6.47 2.96
CA VAL A 663 14.23 6.61 1.81
C VAL A 663 13.61 7.40 0.67
N ALA A 664 12.28 7.57 0.66
CA ALA A 664 11.63 8.23 -0.46
C ALA A 664 12.12 9.66 -0.61
N GLN A 665 12.27 10.39 0.51
CA GLN A 665 12.69 11.78 0.42
C GLN A 665 14.07 11.91 -0.21
N PHE A 666 14.99 11.03 0.16
CA PHE A 666 16.35 11.06 -0.39
C PHE A 666 16.31 10.54 -1.83
N SER A 667 16.35 11.47 -2.78
CA SER A 667 16.34 11.11 -4.20
C SER A 667 17.12 12.17 -4.95
N GLY A 668 18.39 11.89 -5.23
CA GLY A 668 19.25 12.81 -5.95
C GLY A 668 20.20 12.11 -6.91
N LEU A 669 19.81 10.93 -7.37
CA LEU A 669 20.64 10.11 -8.24
C LEU A 669 19.93 9.85 -9.56
N ALA A 670 20.71 9.62 -10.60
CA ALA A 670 20.15 9.34 -11.92
C ALA A 670 19.38 8.03 -11.91
N GLN A 671 18.41 7.92 -12.82
CA GLN A 671 17.59 6.73 -12.88
C GLN A 671 18.43 5.49 -13.18
N TRP A 672 19.36 5.59 -14.13
CA TRP A 672 20.20 4.45 -14.44
C TRP A 672 21.11 4.10 -13.27
N ALA A 673 21.67 5.11 -12.60
CA ALA A 673 22.56 4.85 -11.48
C ALA A 673 21.79 4.44 -10.24
N GLU A 674 20.51 4.77 -10.16
CA GLU A 674 19.69 4.30 -9.04
C GLU A 674 19.33 2.82 -9.20
N PHE A 675 18.97 2.41 -10.42
CA PHE A 675 18.61 1.01 -10.64
C PHE A 675 19.81 0.09 -10.42
N VAL A 676 20.99 0.50 -10.88
CA VAL A 676 22.18 -0.31 -10.65
C VAL A 676 22.47 -0.42 -9.16
N LEU A 677 22.19 0.64 -8.41
CA LEU A 677 22.37 0.58 -6.96
C LEU A 677 21.40 -0.41 -6.33
N PHE A 678 20.13 -0.38 -6.73
CA PHE A 678 19.15 -1.31 -6.19
C PHE A 678 19.51 -2.75 -6.53
N SER A 679 20.01 -2.98 -7.74
CA SER A 679 20.42 -4.33 -8.13
C SER A 679 21.54 -4.83 -7.22
N CYS A 680 22.53 -3.98 -6.94
CA CYS A 680 23.61 -4.39 -6.05
C CYS A 680 23.10 -4.62 -4.64
N LEU A 681 22.23 -3.74 -4.13
CA LEU A 681 21.67 -3.93 -2.80
C LEU A 681 20.87 -5.21 -2.71
N LEU A 682 20.05 -5.49 -3.74
CA LEU A 682 19.28 -6.72 -3.75
C LEU A 682 20.19 -7.94 -3.77
N LEU A 683 21.37 -7.80 -4.36
CA LEU A 683 22.32 -8.91 -4.37
C LEU A 683 22.94 -9.10 -2.99
N VAL A 684 23.29 -8.00 -2.32
CA VAL A 684 23.89 -8.11 -0.98
C VAL A 684 22.90 -8.74 -0.02
N VAL A 685 21.63 -8.34 -0.10
CA VAL A 685 20.62 -8.92 0.78
C VAL A 685 20.45 -10.41 0.50
N CYS A 686 20.51 -10.80 -0.78
CA CYS A 686 20.35 -12.20 -1.13
C CYS A 686 21.48 -13.04 -0.54
N LEU A 687 22.72 -12.55 -0.60
CA LEU A 687 23.83 -13.28 -0.02
C LEU A 687 23.68 -13.40 1.49
N ILE A 688 23.23 -12.34 2.15
CA ILE A 688 23.03 -12.39 3.60
C ILE A 688 21.97 -13.42 3.95
N PHE A 689 20.83 -13.37 3.26
CA PHE A 689 19.76 -14.32 3.52
C PHE A 689 20.19 -15.74 3.16
N SER A 690 20.92 -15.90 2.04
CA SER A 690 21.35 -17.22 1.62
C SER A 690 22.28 -17.85 2.65
N VAL A 691 23.22 -17.07 3.19
CA VAL A 691 24.14 -17.61 4.18
C VAL A 691 23.40 -18.00 5.46
N MET A 692 22.52 -17.13 5.94
CA MET A 692 21.74 -17.45 7.13
C MET A 692 20.83 -18.64 6.89
N ALA A 693 20.17 -18.69 5.72
CA ALA A 693 19.33 -19.82 5.39
C ALA A 693 20.12 -21.11 5.26
N TYR A 694 21.43 -21.02 4.96
CA TYR A 694 22.25 -22.22 4.88
C TYR A 694 22.45 -22.84 6.26
N TYR A 695 22.56 -22.00 7.29
CA TYR A 695 22.75 -22.47 8.66
C TYR A 695 21.43 -22.63 9.42
N TYR A 696 20.30 -22.40 8.76
CA TYR A 696 19.02 -22.54 9.43
C TYR A 696 18.78 -23.98 9.85
N VAL A 697 18.19 -24.15 11.03
CA VAL A 697 17.89 -25.47 11.60
C VAL A 697 16.38 -25.69 11.44
N PRO A 698 15.94 -26.56 10.53
CA PRO A 698 14.49 -26.73 10.33
C PRO A 698 13.81 -27.28 11.57
N LEU A 699 12.54 -26.91 11.72
CA LEU A 699 11.74 -27.40 12.84
C LEU A 699 11.46 -28.89 12.66
N LYS A 700 11.53 -29.62 13.77
CA LYS A 700 11.23 -31.05 13.76
C LYS A 700 10.74 -31.50 15.13
N GLN B 6 5.08 34.73 0.17
CA GLN B 6 4.83 35.94 0.95
C GLN B 6 4.90 37.18 0.05
N LEU B 7 4.18 38.23 0.43
CA LEU B 7 4.10 39.46 -0.35
C LEU B 7 3.59 39.14 -1.77
N VAL B 8 2.36 38.65 -1.83
CA VAL B 8 1.75 38.26 -3.10
C VAL B 8 1.17 39.49 -3.78
N GLU B 9 1.13 39.44 -5.11
CA GLU B 9 0.60 40.53 -5.93
C GLU B 9 -0.40 39.96 -6.92
N SER B 10 -0.98 40.85 -7.73
CA SER B 10 -1.97 40.43 -8.71
C SER B 10 -2.02 41.43 -9.84
N GLY B 11 -2.57 41.01 -10.97
CA GLY B 11 -2.70 41.87 -12.13
C GLY B 11 -3.82 41.45 -13.07
N GLY B 12 -4.67 42.40 -13.45
CA GLY B 12 -5.79 42.11 -14.33
C GLY B 12 -6.56 43.39 -14.62
N GLY B 13 -7.55 43.26 -15.49
CA GLY B 13 -8.31 44.41 -15.89
C GLY B 13 -9.58 44.05 -16.63
N LEU B 14 -10.13 45.04 -17.32
CA LEU B 14 -11.40 44.89 -18.01
C LEU B 14 -11.31 43.81 -19.08
N VAL B 15 -12.42 43.09 -19.27
CA VAL B 15 -12.51 42.02 -20.26
C VAL B 15 -13.81 42.18 -21.02
N GLN B 16 -13.85 41.58 -22.21
CA GLN B 16 -15.05 41.62 -23.04
C GLN B 16 -16.16 40.77 -22.42
N PRO B 17 -17.41 40.98 -22.86
CA PRO B 17 -18.51 40.20 -22.27
C PRO B 17 -18.28 38.70 -22.29
N GLY B 18 -17.64 38.18 -23.35
CA GLY B 18 -17.37 36.76 -23.44
C GLY B 18 -15.92 36.46 -23.73
N GLY B 19 -15.04 37.39 -23.37
CA GLY B 19 -13.62 37.23 -23.63
C GLY B 19 -12.93 36.30 -22.65
N SER B 20 -11.67 36.62 -22.32
CA SER B 20 -10.89 35.80 -21.40
C SER B 20 -9.88 36.68 -20.69
N LEU B 21 -9.38 36.19 -19.57
CA LEU B 21 -8.40 36.92 -18.77
C LEU B 21 -7.35 35.96 -18.25
N ARG B 22 -6.17 36.50 -17.97
CA ARG B 22 -5.04 35.74 -17.42
C ARG B 22 -4.44 36.56 -16.29
N LEU B 23 -4.78 36.18 -15.05
CA LEU B 23 -4.32 36.92 -13.88
C LEU B 23 -3.00 36.34 -13.39
N LEU B 24 -2.13 37.22 -12.90
CA LEU B 24 -0.83 36.86 -12.38
C LEU B 24 -0.84 36.93 -10.85
N CYS B 25 0.11 36.22 -10.25
CA CYS B 25 0.32 36.31 -8.81
C CYS B 25 1.77 35.93 -8.53
N VAL B 26 2.59 36.93 -8.21
CA VAL B 26 4.02 36.75 -7.99
C VAL B 26 4.32 36.94 -6.51
N ALA B 27 5.03 35.98 -5.93
CA ALA B 27 5.44 36.06 -4.54
C ALA B 27 6.84 36.66 -4.44
N SER B 28 6.98 37.69 -3.62
CA SER B 28 8.22 38.43 -3.46
C SER B 28 8.79 38.25 -2.06
N GLY B 29 8.71 37.02 -1.56
CA GLY B 29 9.21 36.70 -0.22
C GLY B 29 9.96 35.39 -0.19
N ARG B 30 9.54 34.48 0.67
CA ARG B 30 10.19 33.18 0.78
C ARG B 30 9.92 32.37 -0.49
N PRO B 31 10.54 31.20 -0.63
CA PRO B 31 10.37 30.43 -1.86
C PRO B 31 8.92 30.08 -2.13
N PHE B 32 8.56 30.07 -3.41
CA PHE B 32 7.18 29.84 -3.81
C PHE B 32 6.77 28.37 -3.68
N ASN B 33 7.72 27.45 -3.71
CA ASN B 33 7.40 26.02 -3.61
C ASN B 33 6.93 25.64 -2.21
N ASP B 34 7.05 26.54 -1.23
CA ASP B 34 6.72 26.25 0.15
C ASP B 34 5.24 26.49 0.45
N TYR B 35 4.56 27.32 -0.34
CA TYR B 35 3.23 27.80 -0.01
C TYR B 35 2.16 27.14 -0.87
N ASP B 36 1.06 26.75 -0.24
CA ASP B 36 -0.15 26.41 -0.95
C ASP B 36 -0.91 27.68 -1.32
N MET B 37 -1.40 27.75 -2.55
CA MET B 37 -1.95 28.98 -3.09
C MET B 37 -3.42 28.79 -3.48
N GLY B 38 -4.17 29.89 -3.42
CA GLY B 38 -5.57 29.87 -3.79
C GLY B 38 -6.02 31.22 -4.31
N TRP B 39 -7.12 31.19 -5.06
CA TRP B 39 -7.71 32.38 -5.65
C TRP B 39 -9.08 32.63 -5.03
N PHE B 40 -9.35 33.89 -4.69
CA PHE B 40 -10.65 34.28 -4.14
C PHE B 40 -11.14 35.53 -4.86
N ARG B 41 -12.47 35.70 -4.86
CA ARG B 41 -13.11 36.84 -5.50
C ARG B 41 -14.10 37.48 -4.53
N GLN B 42 -14.26 38.81 -4.66
CA GLN B 42 -15.14 39.59 -3.78
C GLN B 42 -15.94 40.55 -4.65
N ALA B 43 -17.12 40.11 -5.08
CA ALA B 43 -17.98 40.98 -5.86
C ALA B 43 -18.46 42.14 -5.00
N PRO B 44 -18.77 43.29 -5.62
CA PRO B 44 -19.18 44.46 -4.83
C PRO B 44 -20.40 44.14 -3.97
N GLY B 45 -20.34 44.58 -2.72
CA GLY B 45 -21.44 44.34 -1.79
C GLY B 45 -21.73 42.87 -1.58
N LYS B 46 -20.70 42.03 -1.56
CA LYS B 46 -20.85 40.60 -1.37
C LYS B 46 -19.73 40.10 -0.47
N GLU B 47 -19.67 38.78 -0.30
CA GLU B 47 -18.67 38.14 0.54
C GLU B 47 -17.61 37.47 -0.33
N ARG B 48 -16.39 37.38 0.22
CA ARG B 48 -15.29 36.78 -0.51
C ARG B 48 -15.59 35.33 -0.83
N GLU B 49 -15.53 34.98 -2.11
CA GLU B 49 -15.84 33.63 -2.57
C GLU B 49 -14.56 32.90 -2.96
N PHE B 50 -14.68 31.58 -3.09
CA PHE B 50 -13.59 30.73 -3.54
C PHE B 50 -13.66 30.57 -5.05
N VAL B 51 -12.50 30.60 -5.70
CA VAL B 51 -12.43 30.52 -7.15
C VAL B 51 -11.67 29.27 -7.56
N ALA B 52 -10.40 29.19 -7.16
CA ALA B 52 -9.57 28.04 -7.50
C ALA B 52 -8.44 27.93 -6.49
N SER B 53 -7.84 26.75 -6.44
CA SER B 53 -6.72 26.50 -5.54
C SER B 53 -5.72 25.58 -6.23
N ILE B 54 -4.44 25.87 -6.05
CA ILE B 54 -3.35 25.04 -6.56
C ILE B 54 -2.41 24.74 -5.41
N SER B 55 -2.13 23.46 -5.20
CA SER B 55 -1.26 23.06 -4.10
C SER B 55 0.20 23.28 -4.47
N TRP B 56 1.06 23.23 -3.45
CA TRP B 56 2.48 23.29 -3.70
C TRP B 56 2.89 22.15 -4.63
N SER B 57 3.72 22.47 -5.61
CA SER B 57 4.15 21.58 -6.69
C SER B 57 3.07 21.47 -7.77
N GLY B 58 1.90 22.08 -7.57
CA GLY B 58 0.87 22.08 -8.59
C GLY B 58 0.26 20.73 -8.89
N ARG B 59 0.51 19.72 -8.05
CA ARG B 59 -0.01 18.39 -8.33
C ARG B 59 -1.53 18.33 -8.15
N VAL B 60 -2.05 19.01 -7.12
CA VAL B 60 -3.47 18.98 -6.78
C VAL B 60 -4.07 20.34 -7.12
N THR B 61 -5.22 20.31 -7.80
CA THR B 61 -5.93 21.52 -8.21
C THR B 61 -7.40 21.37 -7.88
N ASP B 62 -8.03 22.49 -7.50
CA ASP B 62 -9.45 22.51 -7.20
C ASP B 62 -10.06 23.80 -7.72
N TYR B 63 -11.32 23.73 -8.12
CA TYR B 63 -12.06 24.88 -8.62
C TYR B 63 -13.43 24.93 -7.95
N SER B 64 -13.96 26.14 -7.81
CA SER B 64 -15.27 26.30 -7.21
C SER B 64 -16.34 25.68 -8.11
N ASP B 65 -17.44 25.26 -7.48
CA ASP B 65 -18.52 24.64 -8.24
C ASP B 65 -18.95 25.52 -9.40
N SER B 66 -19.09 26.83 -9.16
CA SER B 66 -19.46 27.74 -10.23
C SER B 66 -18.41 27.75 -11.35
N MET B 67 -17.20 28.19 -11.01
CA MET B 67 -16.10 28.31 -11.97
C MET B 67 -16.63 28.80 -13.32
N LYS B 68 -17.22 29.99 -13.29
CA LYS B 68 -17.88 30.57 -14.45
C LYS B 68 -17.02 30.39 -15.70
N GLY B 69 -17.55 29.67 -16.67
CA GLY B 69 -16.76 29.24 -17.80
C GLY B 69 -15.93 28.03 -17.42
N ARG B 70 -14.60 28.17 -17.48
CA ARG B 70 -13.71 27.12 -17.01
C ARG B 70 -12.38 27.76 -16.67
N CYS B 71 -12.01 27.73 -15.39
CA CYS B 71 -10.75 28.30 -14.93
C CYS B 71 -9.63 27.27 -15.10
N THR B 72 -8.40 27.75 -14.91
CA THR B 72 -7.23 26.88 -14.95
C THR B 72 -6.12 27.60 -14.19
N VAL B 73 -5.68 27.01 -13.09
CA VAL B 73 -4.63 27.58 -12.24
C VAL B 73 -3.35 26.79 -12.48
N SER B 74 -2.27 27.50 -12.78
CA SER B 74 -0.96 26.90 -12.96
C SER B 74 0.08 27.73 -12.21
N ARG B 75 1.17 27.08 -11.83
CA ARG B 75 2.23 27.74 -11.09
C ARG B 75 3.57 27.16 -11.48
N ASP B 76 4.59 28.02 -11.46
CA ASP B 76 5.97 27.60 -11.53
C ASP B 76 6.68 28.08 -10.26
N ASN B 77 7.48 27.20 -9.66
CA ASN B 77 8.17 27.52 -8.43
C ASN B 77 9.47 28.28 -8.66
N ALA B 78 9.92 28.38 -9.90
CA ALA B 78 11.04 29.23 -10.27
C ALA B 78 10.49 30.57 -10.73
N LYS B 79 10.95 31.65 -10.10
CA LYS B 79 10.46 33.02 -10.24
C LYS B 79 9.18 33.23 -9.44
N GLY B 80 8.60 32.19 -8.84
CA GLY B 80 7.45 32.34 -7.98
C GLY B 80 6.30 33.09 -8.63
N THR B 81 5.67 32.48 -9.64
CA THR B 81 4.56 33.09 -10.34
C THR B 81 3.43 32.08 -10.49
N MET B 82 2.19 32.57 -10.42
CA MET B 82 1.00 31.74 -10.52
C MET B 82 0.02 32.40 -11.49
N PHE B 83 -0.57 31.59 -12.36
CA PHE B 83 -1.45 32.06 -13.42
C PHE B 83 -2.84 31.46 -13.26
N LEU B 84 -3.86 32.29 -13.41
CA LEU B 84 -5.25 31.85 -13.48
C LEU B 84 -5.78 32.21 -14.87
N GLN B 85 -6.31 31.22 -15.57
CA GLN B 85 -6.83 31.39 -16.93
C GLN B 85 -8.34 31.23 -16.88
N MET B 86 -9.05 32.35 -17.02
CA MET B 86 -10.51 32.36 -17.09
C MET B 86 -10.92 32.49 -18.55
N SER B 87 -11.87 31.66 -18.98
CA SER B 87 -12.13 31.41 -20.40
C SER B 87 -13.42 32.05 -20.90
N ASN B 88 -14.53 31.87 -20.20
CA ASN B 88 -15.87 32.20 -20.70
C ASN B 88 -16.55 33.15 -19.71
N LEU B 89 -15.83 34.21 -19.34
CA LEU B 89 -16.35 35.19 -18.39
C LEU B 89 -17.67 35.79 -18.87
N VAL B 90 -18.51 36.18 -17.92
CA VAL B 90 -19.88 36.70 -18.20
C VAL B 90 -20.04 38.06 -17.52
N PRO B 91 -21.11 38.84 -17.76
CA PRO B 91 -21.32 40.09 -17.03
C PRO B 91 -21.13 39.87 -15.53
N ARG B 92 -21.66 38.77 -14.98
CA ARG B 92 -21.48 38.41 -13.59
C ARG B 92 -19.99 38.20 -13.30
N ASP B 93 -19.68 37.86 -12.05
CA ASP B 93 -18.30 37.62 -11.62
C ASP B 93 -17.40 38.79 -12.00
N THR B 94 -17.96 40.00 -11.98
CA THR B 94 -17.18 41.22 -12.18
C THR B 94 -16.66 41.72 -10.84
N ALA B 95 -15.90 40.85 -10.18
CA ALA B 95 -15.49 41.01 -8.80
C ALA B 95 -14.01 41.38 -8.72
N VAL B 96 -13.54 41.57 -7.49
CA VAL B 96 -12.14 41.83 -7.19
C VAL B 96 -11.50 40.50 -6.81
N TYR B 97 -10.45 40.10 -7.53
CA TYR B 97 -9.86 38.78 -7.40
C TYR B 97 -8.60 38.88 -6.53
N TYR B 98 -8.57 38.08 -5.46
CA TYR B 98 -7.46 38.09 -4.51
C TYR B 98 -6.60 36.85 -4.69
N CYS B 99 -5.36 36.95 -4.20
CA CYS B 99 -4.42 35.85 -4.17
C CYS B 99 -4.07 35.54 -2.73
N ALA B 100 -4.16 34.27 -2.34
CA ALA B 100 -3.92 33.84 -0.97
C ALA B 100 -2.87 32.75 -0.95
N ALA B 101 -1.97 32.83 0.03
CA ALA B 101 -0.88 31.87 0.18
C ALA B 101 -0.89 31.30 1.59
N ALA B 102 -0.73 29.98 1.69
CA ALA B 102 -0.67 29.29 2.97
C ALA B 102 0.58 28.43 3.01
N ARG B 103 1.38 28.61 4.06
CA ARG B 103 2.58 27.80 4.22
C ARG B 103 2.22 26.36 4.52
N ARG B 104 2.98 25.43 3.95
CA ARG B 104 2.70 24.01 4.13
C ARG B 104 2.73 23.64 5.61
N ARG B 105 1.73 22.87 6.03
CA ARG B 105 1.67 22.33 7.39
C ARG B 105 0.55 21.31 7.42
N TRP B 106 0.35 20.70 8.59
CA TRP B 106 -0.70 19.72 8.80
C TRP B 106 -1.90 20.39 9.46
N THR B 107 -3.04 20.34 8.80
CA THR B 107 -4.26 20.93 9.32
C THR B 107 -5.46 20.19 8.75
N PHE B 108 -6.59 20.30 9.45
CA PHE B 108 -7.85 19.72 9.01
C PHE B 108 -8.81 20.76 8.44
N LYS B 109 -8.34 21.99 8.23
CA LYS B 109 -9.19 23.03 7.67
C LYS B 109 -9.26 22.87 6.15
N ALA B 110 -10.44 23.15 5.59
CA ALA B 110 -10.65 22.97 4.17
C ALA B 110 -9.72 23.89 3.37
N THR B 111 -9.08 23.32 2.35
CA THR B 111 -8.21 24.09 1.48
C THR B 111 -8.97 25.10 0.63
N ASN B 112 -10.31 25.00 0.59
CA ASN B 112 -11.14 25.89 -0.20
C ASN B 112 -11.85 26.94 0.65
N THR B 113 -11.30 27.27 1.81
CA THR B 113 -11.90 28.23 2.73
C THR B 113 -10.94 29.36 3.02
N GLU B 114 -11.49 30.50 3.40
CA GLU B 114 -10.66 31.67 3.71
C GLU B 114 -9.76 31.41 4.91
N GLU B 115 -10.18 30.56 5.84
CA GLU B 115 -9.42 30.34 7.06
C GLU B 115 -8.15 29.53 6.83
N PHE B 116 -8.06 28.81 5.71
CA PHE B 116 -6.88 28.00 5.44
C PHE B 116 -5.68 28.86 5.08
N TYR B 117 -5.91 30.06 4.54
CA TYR B 117 -4.84 30.92 4.05
C TYR B 117 -4.58 32.07 5.01
N GLU B 118 -3.32 32.49 5.06
CA GLU B 118 -2.87 33.45 6.07
C GLU B 118 -2.49 34.81 5.51
N THR B 119 -1.94 34.88 4.30
CA THR B 119 -1.53 36.15 3.70
C THR B 119 -2.34 36.37 2.42
N TRP B 120 -2.98 37.53 2.33
CA TRP B 120 -3.78 37.91 1.18
C TRP B 120 -3.15 39.13 0.52
N GLY B 121 -2.90 39.04 -0.77
CA GLY B 121 -2.45 40.20 -1.53
C GLY B 121 -3.60 41.09 -1.94
N GLN B 122 -3.25 42.27 -2.45
CA GLN B 122 -4.26 43.17 -2.99
C GLN B 122 -4.92 42.54 -4.21
N GLY B 123 -6.19 42.83 -4.40
CA GLY B 123 -6.98 42.21 -5.44
C GLY B 123 -7.09 43.07 -6.69
N THR B 124 -7.16 42.39 -7.83
CA THR B 124 -7.38 43.07 -9.10
C THR B 124 -8.84 43.55 -9.16
N GLN B 125 -9.20 44.16 -10.29
CA GLN B 125 -10.53 44.71 -10.49
C GLN B 125 -11.09 44.30 -11.84
N VAL B 126 -11.02 43.00 -12.14
CA VAL B 126 -11.55 42.52 -13.41
C VAL B 126 -13.04 42.86 -13.47
N THR B 127 -13.46 43.44 -14.59
CA THR B 127 -14.84 43.86 -14.78
C THR B 127 -15.31 43.44 -16.16
N VAL B 128 -16.63 43.32 -16.30
CA VAL B 128 -17.22 42.89 -17.56
C VAL B 128 -18.28 43.88 -17.99
C1 CXN C . 0.28 -9.70 -4.15
O1 CXN C . 1.21 -10.29 -4.67
C2 CXN C . -0.57 -9.88 -2.89
C3 CXN C . -1.23 -8.53 -3.30
N7 CXN C . -0.41 -8.58 -4.53
C6 CXN C . 0.21 -7.32 -4.96
C8 CXN C . 0.06 -7.07 -6.44
O81 CXN C . 1.06 -6.60 -7.02
O82 CXN C . -1.05 -7.32 -6.97
C5 CXN C . -0.40 -6.18 -4.08
C51 CXN C . -1.72 -5.66 -4.66
C52 CXN C . 0.60 -5.04 -3.88
S4 CXN C . -0.73 -7.01 -2.47
N2 CXN C . 0.11 -9.96 -1.61
C21 CXN C . 1.40 -9.62 -1.44
O21 CXN C . 2.10 -9.19 -2.35
C22 CXN C . 1.95 -9.78 -0.08
N25 CXN C . 2.26 -10.18 2.12
O24 CXN C . 3.46 -9.70 1.55
C23 CXN C . 3.25 -9.47 0.24
C26 CXN C . 1.38 -10.21 1.16
C27 CXN C . 4.40 -8.97 -0.54
C28 CXN C . 0.02 -10.65 1.53
C29 CXN C . -1.11 -9.84 1.38
CL CXN C . -0.97 -8.28 0.64
C30 CXN C . -2.36 -10.25 1.81
C31 CXN C . -2.50 -11.50 2.38
C32 CXN C . -1.41 -12.32 2.55
C33 CXN C . -0.15 -11.91 2.13
H2 CXN C . -1.18 -10.65 -2.99
H3 CXN C . -2.19 -8.60 -3.47
H6 CXN C . 1.17 -7.41 -4.78
H511 CXN C . -2.39 -6.37 -4.78
H512 CXN C . -2.11 -4.99 -4.08
H513 CXN C . -1.57 -5.24 -5.53
H521 CXN C . 1.41 -5.36 -3.43
H522 CXN C . 0.86 -4.63 -4.72
H523 CXN C . 0.20 -4.35 -3.33
HN2 CXN C . -0.36 -10.26 -0.93
H271 CXN C . 4.12 -8.32 -1.21
H272 CXN C . 4.88 -9.70 -0.99
H273 CXN C . 5.06 -8.53 0.05
H30 CXN C . -3.14 -9.67 1.69
H31 CXN C . -3.38 -11.80 2.69
H32 CXN C . -1.52 -13.20 2.96
H33 CXN C . 0.61 -12.51 2.25
#